data_4EYS
#
_entry.id   4EYS
#
_cell.length_a   97.998
_cell.length_b   97.998
_cell.length_c   79.805
_cell.angle_alpha   90.00
_cell.angle_beta   90.00
_cell.angle_gamma   120.00
#
_symmetry.space_group_name_H-M   'P 3 2 1'
#
loop_
_entity.id
_entity.type
_entity.pdbx_description
1 polymer 'MccC family protein'
2 non-polymer 'ADENOSINE MONOPHOSPHATE'
3 non-polymer 'ACETATE ION'
4 non-polymer 'SULFATE ION'
5 water water
#
_entity_poly.entity_id   1
_entity_poly.type   'polypeptide(L)'
_entity_poly.pdbx_seq_one_letter_code
;SNA(MSE)VSTIGIVSLSSGIIGEDFVKHEVDLGIQRLKDLGLNPIFLPHSLKGLDFIKDHPEARAEDLIHAFSDDSID
(MSE)ILCAIGGDDTYRLLPYLFENDQLQKVIKQKIFLGFSDTT(MSE)NHL(MSE)LHKLGIKTFYGQSFLADICELDK
E(MSE)LAYSLHYFKELIETGRISEIRPSDVWYEERTDFSPTALGTPRVSHTNTGFDLLQGSAQFEGKILGGCLESLYDI
FDNSRYADSTELCQKYKLFPDLSDWEGKILLLETSEEKPKPEDFKK(MSE)LLTLKDTGIFAVINGLLVGKP(MSE)DET
FHDDYKEALLDIIDSNIPIVYNLNVGHATPRAIVPFGVHAHVDAQEQVILFDYNK
;
_entity_poly.pdbx_strand_id   A
#
# COMPACT_ATOMS: atom_id res chain seq x y z
N VAL A 5 0.22 -12.29 -16.39
CA VAL A 5 -0.26 -10.95 -16.69
C VAL A 5 0.25 -10.56 -18.07
N SER A 6 -0.66 -10.11 -18.91
CA SER A 6 -0.28 -9.51 -20.16
C SER A 6 -0.64 -8.02 -20.24
N THR A 7 -1.92 -7.68 -20.06
CA THR A 7 -2.31 -6.25 -20.03
C THR A 7 -2.40 -5.77 -18.58
N ILE A 8 -1.76 -4.63 -18.38
CA ILE A 8 -1.68 -3.98 -17.06
C ILE A 8 -2.30 -2.58 -17.22
N GLY A 9 -3.34 -2.32 -16.44
CA GLY A 9 -4.08 -1.06 -16.51
C GLY A 9 -3.68 -0.15 -15.35
N ILE A 10 -3.32 1.07 -15.70
CA ILE A 10 -2.80 2.10 -14.72
C ILE A 10 -3.97 3.02 -14.38
N VAL A 11 -4.23 3.14 -13.06
CA VAL A 11 -5.34 3.98 -12.58
C VAL A 11 -4.78 5.02 -11.66
N SER A 12 -5.37 6.23 -11.74
CA SER A 12 -5.06 7.30 -10.77
C SER A 12 -6.29 7.43 -9.84
N LEU A 13 -6.23 6.79 -8.67
CA LEU A 13 -7.37 6.86 -7.76
C LEU A 13 -7.17 7.87 -6.65
N SER A 14 -6.00 8.47 -6.53
CA SER A 14 -5.68 9.43 -5.46
C SER A 14 -5.18 10.73 -6.18
N SER A 15 -3.90 11.05 -6.10
CA SER A 15 -3.39 12.23 -6.79
C SER A 15 -3.41 12.01 -8.28
N GLY A 16 -3.67 13.07 -8.99
CA GLY A 16 -3.55 13.09 -10.46
C GLY A 16 -2.19 13.42 -11.06
N ILE A 17 -1.14 13.37 -10.27
CA ILE A 17 0.22 13.81 -10.68
C ILE A 17 0.72 13.17 -12.03
N ILE A 18 0.37 11.93 -12.38
CA ILE A 18 1.13 11.26 -13.47
C ILE A 18 0.87 11.85 -14.82
N GLY A 19 -0.16 12.64 -14.96
CA GLY A 19 -0.45 13.35 -16.19
C GLY A 19 0.29 14.69 -16.40
N GLU A 20 1.02 15.12 -15.40
CA GLU A 20 1.65 16.47 -15.40
C GLU A 20 2.95 16.44 -16.19
N ASP A 21 3.22 17.56 -16.87
CA ASP A 21 4.49 17.65 -17.64
C ASP A 21 5.73 17.36 -16.82
N PHE A 22 5.78 17.86 -15.60
CA PHE A 22 7.01 17.80 -14.82
C PHE A 22 7.46 16.38 -14.34
N VAL A 23 6.56 15.39 -14.46
CA VAL A 23 6.90 13.98 -14.23
C VAL A 23 6.95 13.13 -15.50
N LYS A 24 6.75 13.75 -16.65
CA LYS A 24 6.64 12.99 -17.92
C LYS A 24 7.83 12.08 -18.19
N HIS A 25 9.00 12.55 -17.83
CA HIS A 25 10.24 11.75 -17.98
C HIS A 25 10.21 10.51 -17.14
N GLU A 26 9.61 10.63 -15.95
CA GLU A 26 9.49 9.46 -15.09
C GLU A 26 8.48 8.47 -15.64
N VAL A 27 7.32 8.98 -16.02
CA VAL A 27 6.26 8.14 -16.58
C VAL A 27 6.72 7.36 -17.84
N ASP A 28 7.41 8.07 -18.70
CA ASP A 28 7.83 7.44 -20.00
C ASP A 28 8.83 6.32 -19.73
N LEU A 29 9.67 6.52 -18.72
CA LEU A 29 10.61 5.49 -18.21
C LEU A 29 9.86 4.28 -17.68
N GLY A 30 8.81 4.48 -16.85
CA GLY A 30 8.10 3.32 -16.37
C GLY A 30 7.31 2.50 -17.40
N ILE A 31 6.73 3.21 -18.32
CA ILE A 31 5.98 2.66 -19.47
CA ILE A 31 6.00 2.64 -19.46
C ILE A 31 6.93 1.70 -20.24
N GLN A 32 8.12 2.20 -20.49
CA GLN A 32 9.17 1.40 -21.22
C GLN A 32 9.57 0.18 -20.42
N ARG A 33 9.72 0.35 -19.09
CA ARG A 33 10.02 -0.80 -18.26
C ARG A 33 8.91 -1.86 -18.29
N LEU A 34 7.63 -1.44 -18.27
CA LEU A 34 6.55 -2.39 -18.25
C LEU A 34 6.58 -3.22 -19.54
N LYS A 35 6.81 -2.53 -20.63
CA LYS A 35 6.99 -3.17 -21.98
C LYS A 35 8.12 -4.19 -21.96
N ASP A 36 9.25 -3.75 -21.45
CA ASP A 36 10.47 -4.61 -21.27
C ASP A 36 10.26 -5.84 -20.41
N LEU A 37 9.29 -5.76 -19.50
CA LEU A 37 8.91 -6.91 -18.66
C LEU A 37 7.91 -7.87 -19.31
N GLY A 38 7.54 -7.57 -20.56
CA GLY A 38 6.60 -8.35 -21.30
C GLY A 38 5.14 -7.98 -21.16
N LEU A 39 4.92 -6.77 -20.65
CA LEU A 39 3.53 -6.30 -20.44
C LEU A 39 3.07 -5.33 -21.49
N ASN A 40 1.77 -5.20 -21.57
CA ASN A 40 1.07 -4.23 -22.43
C ASN A 40 0.39 -3.16 -21.49
N PRO A 41 1.11 -2.07 -21.22
CA PRO A 41 0.57 -1.08 -20.28
C PRO A 41 -0.42 -0.19 -20.96
N ILE A 42 -1.53 -0.01 -20.28
CA ILE A 42 -2.55 0.90 -20.75
C ILE A 42 -2.97 1.80 -19.60
N PHE A 43 -3.29 3.03 -19.97
CA PHE A 43 -3.84 3.98 -18.99
C PHE A 43 -5.33 4.02 -19.12
N LEU A 44 -6.00 3.91 -17.97
CA LEU A 44 -7.43 4.02 -17.97
C LEU A 44 -7.84 5.44 -18.37
N PRO A 45 -9.07 5.60 -18.90
CA PRO A 45 -9.39 6.84 -19.67
C PRO A 45 -9.10 8.20 -19.01
N HIS A 46 -9.28 8.29 -17.68
CA HIS A 46 -9.07 9.56 -16.94
C HIS A 46 -7.75 9.68 -16.23
N SER A 47 -6.91 8.60 -16.30
CA SER A 47 -5.73 8.49 -15.44
C SER A 47 -4.63 9.51 -15.65
N LEU A 48 -4.62 10.09 -16.86
CA LEU A 48 -3.66 11.07 -17.26
C LEU A 48 -4.22 12.50 -17.34
N LYS A 49 -5.41 12.73 -16.78
CA LYS A 49 -6.08 14.05 -16.91
C LYS A 49 -5.47 15.16 -16.03
N GLY A 50 -4.59 14.81 -15.11
CA GLY A 50 -3.82 15.75 -14.34
C GLY A 50 -4.36 16.05 -12.94
N LEU A 51 -3.61 16.85 -12.21
CA LEU A 51 -3.87 17.07 -10.77
C LEU A 51 -5.23 17.64 -10.55
N ASP A 52 -5.55 18.70 -11.26
CA ASP A 52 -6.78 19.42 -10.94
C ASP A 52 -8.04 18.62 -11.32
N PHE A 53 -8.09 18.08 -12.55
CA PHE A 53 -9.21 17.31 -12.99
C PHE A 53 -9.51 16.15 -12.04
N ILE A 54 -8.45 15.41 -11.73
CA ILE A 54 -8.59 14.18 -10.89
C ILE A 54 -9.03 14.57 -9.46
N LYS A 55 -8.49 15.70 -8.97
CA LYS A 55 -8.93 16.16 -7.64
C LYS A 55 -10.40 16.47 -7.65
N ASP A 56 -10.79 17.15 -8.70
CA ASP A 56 -12.16 17.65 -8.77
C ASP A 56 -13.23 16.60 -9.14
N HIS A 57 -12.79 15.46 -9.68
CA HIS A 57 -13.69 14.44 -10.23
C HIS A 57 -13.43 13.08 -9.67
N PRO A 58 -13.72 12.87 -8.39
CA PRO A 58 -13.59 11.49 -7.82
C PRO A 58 -14.43 10.48 -8.61
N GLU A 59 -15.49 10.92 -9.24
CA GLU A 59 -16.44 10.06 -9.99
C GLU A 59 -15.69 9.51 -11.22
N ALA A 60 -14.77 10.31 -11.75
CA ALA A 60 -13.99 9.86 -12.93
C ALA A 60 -13.02 8.79 -12.50
N ARG A 61 -12.49 8.93 -11.31
CA ARG A 61 -11.60 7.92 -10.78
C ARG A 61 -12.38 6.60 -10.60
N ALA A 62 -13.57 6.71 -9.99
CA ALA A 62 -14.44 5.57 -9.74
C ALA A 62 -14.78 4.86 -11.06
N GLU A 63 -15.04 5.68 -12.10
CA GLU A 63 -15.39 5.17 -13.45
C GLU A 63 -14.26 4.30 -13.98
N ASP A 64 -13.04 4.82 -13.81
CA ASP A 64 -11.80 4.14 -14.24
C ASP A 64 -11.65 2.82 -13.50
N LEU A 65 -11.91 2.83 -12.20
CA LEU A 65 -11.75 1.58 -11.43
C LEU A 65 -12.77 0.51 -11.83
N ILE A 66 -14.02 0.93 -12.01
CA ILE A 66 -15.12 0.07 -12.40
C ILE A 66 -14.75 -0.53 -13.77
N HIS A 67 -14.26 0.31 -14.65
N HIS A 67 -14.29 0.30 -14.68
CA HIS A 67 -13.85 -0.16 -16.01
CA HIS A 67 -13.86 -0.17 -16.04
C HIS A 67 -12.71 -1.15 -15.95
C HIS A 67 -12.71 -1.14 -15.96
N ALA A 68 -11.77 -0.89 -15.07
CA ALA A 68 -10.56 -1.75 -14.93
C ALA A 68 -10.99 -3.14 -14.52
N PHE A 69 -11.96 -3.22 -13.61
CA PHE A 69 -12.45 -4.54 -13.10
C PHE A 69 -13.37 -5.26 -14.11
N SER A 70 -14.12 -4.45 -14.86
CA SER A 70 -15.14 -4.95 -15.74
C SER A 70 -14.53 -5.52 -17.03
N ASP A 71 -13.43 -4.94 -17.43
CA ASP A 71 -12.77 -5.27 -18.73
C ASP A 71 -11.91 -6.53 -18.62
N ASP A 72 -12.43 -7.61 -19.22
CA ASP A 72 -11.85 -8.96 -19.09
C ASP A 72 -10.47 -9.07 -19.68
N SER A 73 -10.12 -8.13 -20.51
CA SER A 73 -8.78 -8.08 -21.07
C SER A 73 -7.72 -7.50 -20.15
N ILE A 74 -8.17 -6.86 -19.08
CA ILE A 74 -7.19 -6.23 -18.17
C ILE A 74 -6.88 -7.22 -17.11
N ASP A 75 -5.61 -7.65 -17.07
CA ASP A 75 -5.20 -8.74 -16.18
C ASP A 75 -4.76 -8.29 -14.78
N ILE A 77 -4.31 -4.41 -12.26
CA ILE A 77 -4.60 -2.98 -12.01
C ILE A 77 -3.47 -2.49 -11.11
N LEU A 78 -2.79 -1.48 -11.60
CA LEU A 78 -1.66 -0.83 -10.93
C LEU A 78 -2.01 0.62 -10.63
N CYS A 79 -2.02 0.95 -9.35
CA CYS A 79 -2.24 2.35 -8.95
C CYS A 79 -1.05 3.24 -9.29
N ALA A 80 -1.38 4.39 -9.80
CA ALA A 80 -0.39 5.39 -10.26
C ALA A 80 0.53 5.80 -9.06
N ILE A 81 -0.11 6.13 -7.91
CA ILE A 81 0.49 6.83 -6.79
C ILE A 81 -0.66 7.09 -5.76
N GLY A 82 -0.29 7.41 -4.53
CA GLY A 82 -1.24 7.74 -3.46
C GLY A 82 -1.59 9.21 -3.49
N GLY A 83 -1.88 9.73 -2.30
CA GLY A 83 -2.50 11.01 -2.18
C GLY A 83 -3.19 11.01 -0.85
N ASP A 84 -4.35 11.63 -0.80
CA ASP A 84 -5.10 11.62 0.45
C ASP A 84 -6.62 11.67 0.39
N ASP A 85 -7.20 11.55 -0.79
CA ASP A 85 -8.65 11.70 -0.88
C ASP A 85 -9.45 10.63 -1.60
N THR A 86 -8.87 9.44 -1.78
CA THR A 86 -9.63 8.42 -2.48
C THR A 86 -10.93 7.96 -1.79
N TYR A 87 -11.05 8.25 -0.48
CA TYR A 87 -12.35 8.05 0.21
C TYR A 87 -13.52 8.66 -0.54
N ARG A 88 -13.25 9.73 -1.27
CA ARG A 88 -14.31 10.41 -2.01
C ARG A 88 -14.96 9.55 -3.13
N LEU A 89 -14.28 8.47 -3.52
CA LEU A 89 -14.88 7.59 -4.48
C LEU A 89 -16.04 6.75 -3.93
N LEU A 90 -16.17 6.66 -2.61
CA LEU A 90 -17.10 5.73 -1.98
C LEU A 90 -18.50 5.80 -2.57
N PRO A 91 -19.16 6.98 -2.62
CA PRO A 91 -20.52 6.93 -3.14
C PRO A 91 -20.69 6.45 -4.59
N TYR A 92 -19.68 6.72 -5.38
CA TYR A 92 -19.70 6.37 -6.79
C TYR A 92 -19.40 4.85 -6.96
N LEU A 93 -18.84 4.23 -5.92
CA LEU A 93 -18.53 2.77 -5.96
C LEU A 93 -19.58 1.90 -5.26
N PHE A 94 -20.20 2.43 -4.22
CA PHE A 94 -21.03 1.67 -3.34
C PHE A 94 -22.52 2.05 -3.29
N GLU A 95 -22.92 3.21 -3.73
CA GLU A 95 -24.29 3.61 -3.40
C GLU A 95 -25.34 2.70 -4.01
N ASN A 96 -25.07 2.33 -5.24
CA ASN A 96 -25.96 1.36 -5.98
C ASN A 96 -25.20 0.12 -6.43
N ASP A 97 -24.32 -0.30 -5.55
CA ASP A 97 -23.49 -1.51 -5.83
C ASP A 97 -22.71 -1.48 -7.13
N GLN A 98 -22.29 -0.30 -7.56
CA GLN A 98 -21.62 -0.15 -8.85
C GLN A 98 -20.39 -1.01 -8.99
N LEU A 99 -19.59 -0.99 -7.97
CA LEU A 99 -18.32 -1.76 -8.03
C LEU A 99 -18.65 -3.28 -7.86
N GLN A 100 -19.53 -3.60 -6.93
CA GLN A 100 -19.96 -5.00 -6.70
C GLN A 100 -20.40 -5.69 -7.97
N LYS A 101 -21.05 -4.95 -8.84
CA LYS A 101 -21.64 -5.51 -10.03
C LYS A 101 -20.56 -6.05 -10.98
N VAL A 102 -19.37 -5.45 -10.95
CA VAL A 102 -18.26 -5.75 -11.90
C VAL A 102 -17.09 -6.43 -11.23
N ILE A 103 -17.09 -6.47 -9.90
CA ILE A 103 -15.94 -6.93 -9.14
C ILE A 103 -15.60 -8.40 -9.43
N LYS A 104 -14.30 -8.68 -9.45
CA LYS A 104 -13.79 -10.07 -9.50
C LYS A 104 -12.35 -10.09 -9.03
N GLN A 105 -11.84 -11.30 -8.82
CA GLN A 105 -10.47 -11.47 -8.42
C GLN A 105 -9.56 -11.17 -9.64
N LYS A 106 -8.87 -10.05 -9.57
CA LYS A 106 -7.93 -9.55 -10.56
C LYS A 106 -6.82 -8.87 -9.68
N ILE A 107 -5.56 -8.98 -10.06
CA ILE A 107 -4.43 -8.37 -9.31
C ILE A 107 -4.65 -6.87 -9.22
N PHE A 108 -4.60 -6.37 -7.98
CA PHE A 108 -4.70 -4.92 -7.65
C PHE A 108 -3.53 -4.60 -6.76
N LEU A 109 -2.71 -3.60 -7.19
CA LEU A 109 -1.50 -3.25 -6.50
C LEU A 109 -1.36 -1.74 -6.29
N GLY A 110 -1.20 -1.38 -5.04
CA GLY A 110 -0.89 0.02 -4.62
C GLY A 110 -0.62 0.16 -3.14
N PHE A 111 -0.24 1.38 -2.72
CA PHE A 111 -0.03 1.63 -1.31
C PHE A 111 -0.39 3.06 -0.91
N SER A 112 -0.19 3.36 0.36
CA SER A 112 -0.39 4.73 0.88
C SER A 112 -1.90 5.06 0.97
N ASP A 113 -2.42 6.11 0.32
CA ASP A 113 -3.89 6.41 0.34
C ASP A 113 -4.65 5.19 -0.19
N THR A 114 -4.00 4.43 -1.10
CA THR A 114 -4.62 3.23 -1.68
C THR A 114 -5.10 2.22 -0.65
N THR A 115 -4.58 2.36 0.57
CA THR A 115 -5.08 1.66 1.73
C THR A 115 -6.61 1.68 1.77
N ASN A 117 -8.66 2.03 -0.74
CA ASN A 117 -9.11 1.17 -1.80
C ASN A 117 -8.95 -0.35 -1.48
N HIS A 118 -7.88 -0.68 -0.80
CA HIS A 118 -7.67 -2.03 -0.31
C HIS A 118 -8.80 -2.45 0.60
N LEU A 119 -9.24 -1.54 1.50
CA LEU A 119 -10.36 -1.83 2.33
C LEU A 119 -11.69 -1.99 1.56
N LEU A 121 -11.95 -3.04 -1.48
CA LEU A 121 -11.89 -4.33 -2.20
C LEU A 121 -12.03 -5.56 -1.26
N HIS A 122 -11.45 -5.44 -0.08
CA HIS A 122 -11.66 -6.40 0.95
C HIS A 122 -13.13 -6.57 1.27
N LYS A 123 -13.84 -5.46 1.37
CA LYS A 123 -15.27 -5.49 1.67
C LYS A 123 -16.05 -6.34 0.66
N LEU A 124 -15.56 -6.31 -0.56
CA LEU A 124 -16.18 -6.99 -1.70
C LEU A 124 -15.62 -8.39 -1.95
N GLY A 125 -14.75 -8.83 -1.07
CA GLY A 125 -14.25 -10.19 -1.06
C GLY A 125 -13.06 -10.48 -1.92
N ILE A 126 -12.30 -9.45 -2.25
CA ILE A 126 -11.14 -9.49 -3.19
C ILE A 126 -9.83 -9.49 -2.36
N LYS A 127 -8.95 -10.43 -2.70
CA LYS A 127 -7.61 -10.44 -2.22
C LYS A 127 -6.74 -9.47 -2.99
N THR A 128 -6.06 -8.58 -2.29
CA THR A 128 -5.28 -7.53 -2.98
C THR A 128 -3.79 -7.61 -2.62
N PHE A 129 -3.04 -6.70 -3.20
CA PHE A 129 -1.58 -6.64 -3.00
C PHE A 129 -1.08 -5.24 -2.66
N TYR A 130 -0.45 -5.16 -1.52
CA TYR A 130 0.00 -3.89 -0.93
C TYR A 130 1.48 -3.68 -1.15
N GLY A 131 1.85 -2.44 -1.51
CA GLY A 131 3.18 -1.97 -1.26
C GLY A 131 4.07 -1.42 -2.37
N GLN A 132 3.53 -1.31 -3.57
CA GLN A 132 4.22 -0.69 -4.69
C GLN A 132 3.23 0.12 -5.51
N SER A 133 3.72 1.09 -6.25
CA SER A 133 2.93 1.81 -7.23
C SER A 133 3.71 2.11 -8.48
N PHE A 134 3.01 2.58 -9.47
CA PHE A 134 3.68 2.90 -10.76
C PHE A 134 4.74 3.97 -10.63
N LEU A 135 4.34 5.14 -10.14
CA LEU A 135 5.29 6.25 -9.99
C LEU A 135 6.41 5.98 -9.02
N ALA A 136 6.07 5.40 -7.89
CA ALA A 136 7.01 5.19 -6.82
C ALA A 136 8.09 4.12 -7.10
N ASP A 137 7.69 3.05 -7.79
CA ASP A 137 8.55 1.83 -7.92
C ASP A 137 8.94 1.53 -9.37
N ILE A 138 7.96 1.53 -10.21
CA ILE A 138 8.15 1.14 -11.64
C ILE A 138 8.94 2.25 -12.36
N CYS A 139 8.76 3.48 -11.91
CA CYS A 139 9.41 4.67 -12.52
C CYS A 139 10.75 5.06 -11.84
N GLU A 140 11.35 4.10 -11.11
CA GLU A 140 12.60 4.30 -10.46
C GLU A 140 13.58 4.99 -11.43
N LEU A 141 14.20 6.06 -10.97
CA LEU A 141 15.02 6.92 -11.87
C LEU A 141 16.42 6.42 -12.10
N ASP A 142 16.84 5.43 -11.35
CA ASP A 142 18.16 4.79 -11.62
C ASP A 142 18.07 4.02 -12.95
N LYS A 143 19.16 3.39 -13.36
CA LYS A 143 19.13 2.70 -14.67
C LYS A 143 18.17 1.49 -14.69
N GLU A 144 18.15 0.79 -13.56
CA GLU A 144 17.28 -0.35 -13.33
C GLU A 144 16.30 -0.05 -12.16
N LEU A 146 14.93 -0.88 -8.54
CA LEU A 146 15.59 -1.41 -7.37
C LEU A 146 15.45 -2.93 -7.33
N ALA A 147 16.58 -3.60 -7.15
CA ALA A 147 16.55 -5.07 -7.25
C ALA A 147 15.52 -5.82 -6.40
N TYR A 148 15.50 -5.46 -5.11
CA TYR A 148 14.54 -6.03 -4.17
C TYR A 148 13.08 -5.78 -4.58
N SER A 149 12.80 -4.53 -4.94
CA SER A 149 11.46 -4.18 -5.42
C SER A 149 11.06 -5.00 -6.68
N LEU A 150 12.03 -5.08 -7.60
CA LEU A 150 11.82 -5.80 -8.86
C LEU A 150 11.54 -7.30 -8.66
N HIS A 151 12.19 -7.86 -7.66
CA HIS A 151 12.02 -9.27 -7.28
C HIS A 151 10.54 -9.53 -7.03
N TYR A 152 9.94 -8.65 -6.20
CA TYR A 152 8.51 -8.84 -5.88
C TYR A 152 7.57 -8.53 -7.00
N PHE A 153 7.81 -7.45 -7.73
CA PHE A 153 7.01 -7.07 -8.88
C PHE A 153 7.03 -8.23 -9.95
N LYS A 154 8.22 -8.72 -10.22
CA LYS A 154 8.33 -9.75 -11.27
C LYS A 154 7.63 -11.03 -10.84
N GLU A 155 7.75 -11.39 -9.57
CA GLU A 155 7.08 -12.54 -9.05
C GLU A 155 5.59 -12.42 -9.22
N LEU A 156 5.09 -11.23 -8.85
CA LEU A 156 3.62 -10.99 -8.99
C LEU A 156 3.09 -11.10 -10.41
N ILE A 157 3.77 -10.48 -11.35
CA ILE A 157 3.34 -10.46 -12.74
C ILE A 157 3.50 -11.85 -13.39
N GLU A 158 4.45 -12.62 -12.88
CA GLU A 158 4.76 -14.00 -13.45
C GLU A 158 3.85 -15.06 -12.88
N THR A 159 3.56 -14.96 -11.58
CA THR A 159 2.80 -15.98 -10.87
C THR A 159 1.43 -15.62 -10.27
N GLY A 160 1.14 -14.33 -10.27
CA GLY A 160 -0.10 -13.79 -9.63
C GLY A 160 -0.08 -13.88 -8.10
N ARG A 161 1.07 -14.18 -7.58
CA ARG A 161 1.27 -14.44 -6.13
C ARG A 161 2.59 -13.90 -5.62
N ILE A 162 2.66 -13.73 -4.32
CA ILE A 162 3.93 -13.61 -3.57
C ILE A 162 4.07 -14.75 -2.59
N SER A 163 5.14 -15.53 -2.74
CA SER A 163 5.26 -16.72 -1.90
C SER A 163 5.75 -16.45 -0.49
N GLU A 164 6.65 -15.47 -0.37
CA GLU A 164 7.31 -15.17 0.89
C GLU A 164 7.93 -13.76 0.83
N ILE A 165 8.14 -13.24 2.01
CA ILE A 165 8.91 -12.02 2.22
C ILE A 165 10.05 -12.27 3.14
N ARG A 166 11.22 -11.84 2.69
CA ARG A 166 12.38 -11.77 3.55
C ARG A 166 12.98 -10.34 3.53
N PRO A 167 13.70 -9.97 4.58
CA PRO A 167 14.27 -8.59 4.61
C PRO A 167 15.29 -8.30 3.57
N SER A 168 15.32 -7.05 3.14
CA SER A 168 16.34 -6.53 2.20
C SER A 168 17.66 -6.39 2.91
N ASP A 169 18.75 -6.52 2.15
N ASP A 169 18.74 -6.52 2.16
CA ASP A 169 20.08 -6.31 2.74
CA ASP A 169 20.09 -6.31 2.72
C ASP A 169 20.45 -4.85 2.99
C ASP A 169 20.43 -4.85 3.01
N VAL A 170 19.84 -3.99 2.20
CA VAL A 170 20.01 -2.54 2.29
C VAL A 170 18.65 -1.80 2.33
N TRP A 171 18.71 -0.58 2.76
CA TRP A 171 17.57 0.35 2.54
C TRP A 171 18.11 1.62 1.97
N TYR A 172 17.22 2.40 1.36
CA TYR A 172 17.60 3.60 0.66
C TYR A 172 16.80 4.81 1.20
N GLU A 173 17.47 5.93 1.21
CA GLU A 173 16.80 7.22 1.34
C GLU A 173 15.94 7.62 0.19
N GLU A 174 14.90 8.38 0.49
CA GLU A 174 14.13 9.00 -0.58
C GLU A 174 14.92 10.10 -1.28
N ARG A 175 14.70 10.16 -2.57
CA ARG A 175 15.39 11.17 -3.39
C ARG A 175 14.87 12.55 -3.01
N THR A 176 15.76 13.53 -3.20
CA THR A 176 15.40 14.98 -3.09
C THR A 176 15.22 15.62 -4.46
N ASP A 177 15.69 14.92 -5.47
CA ASP A 177 15.63 15.35 -6.84
C ASP A 177 15.04 14.26 -7.75
N PHE A 178 13.88 14.56 -8.31
CA PHE A 178 13.14 13.66 -9.25
C PHE A 178 13.09 14.19 -10.68
N SER A 179 13.83 15.27 -10.88
CA SER A 179 13.89 15.97 -12.19
C SER A 179 14.75 15.18 -13.19
N PRO A 180 14.73 15.56 -14.49
CA PRO A 180 15.44 14.76 -15.48
C PRO A 180 16.94 14.59 -15.19
N THR A 181 17.45 15.55 -14.46
CA THR A 181 18.86 15.56 -14.00
C THR A 181 19.20 14.33 -13.17
N ALA A 182 18.19 13.83 -12.45
CA ALA A 182 18.39 12.72 -11.50
C ALA A 182 18.45 11.36 -12.23
N LEU A 183 18.06 11.37 -13.50
CA LEU A 183 17.99 10.14 -14.32
C LEU A 183 19.34 9.46 -14.28
N GLY A 184 19.32 8.20 -13.92
CA GLY A 184 20.52 7.38 -13.96
C GLY A 184 21.39 7.49 -12.73
N THR A 185 20.90 8.17 -11.72
CA THR A 185 21.66 8.40 -10.48
C THR A 185 21.14 7.58 -9.33
N PRO A 186 22.03 7.17 -8.41
CA PRO A 186 21.64 6.23 -7.40
C PRO A 186 21.21 6.91 -6.12
N ARG A 187 20.33 6.18 -5.48
CA ARG A 187 19.87 6.55 -4.18
C ARG A 187 20.95 6.34 -3.18
N VAL A 188 20.83 7.03 -2.06
CA VAL A 188 21.72 6.83 -0.92
C VAL A 188 21.36 5.58 -0.14
N SER A 189 22.37 4.72 0.00
CA SER A 189 22.27 3.39 0.59
C SER A 189 22.72 3.26 2.01
N HIS A 190 22.00 2.42 2.73
CA HIS A 190 22.27 2.06 4.12
C HIS A 190 22.16 0.58 4.36
N THR A 191 22.90 0.04 5.31
CA THR A 191 22.76 -1.38 5.67
C THR A 191 21.39 -1.56 6.39
N ASN A 192 20.67 -2.61 6.02
CA ASN A 192 19.35 -2.97 6.66
C ASN A 192 19.60 -4.05 7.67
N THR A 193 19.12 -3.83 8.87
CA THR A 193 19.35 -4.84 9.97
C THR A 193 18.26 -5.88 10.18
N GLY A 194 17.27 -5.88 9.29
CA GLY A 194 16.23 -6.93 9.23
C GLY A 194 15.05 -6.69 10.15
N PHE A 195 14.28 -7.75 10.27
CA PHE A 195 13.02 -7.72 11.08
C PHE A 195 13.38 -7.55 12.52
N ASP A 196 12.59 -6.76 13.22
CA ASP A 196 12.89 -6.39 14.62
C ASP A 196 11.70 -6.75 15.49
N LEU A 197 11.81 -7.82 16.23
CA LEU A 197 10.76 -8.32 17.08
C LEU A 197 10.68 -7.52 18.35
N LEU A 198 9.67 -6.66 18.46
CA LEU A 198 9.63 -5.75 19.60
C LEU A 198 9.11 -6.37 20.90
N GLN A 199 8.15 -7.27 20.75
CA GLN A 199 7.44 -7.94 21.84
C GLN A 199 6.66 -9.13 21.30
N GLY A 200 6.36 -10.02 22.23
CA GLY A 200 5.58 -11.21 21.95
C GLY A 200 6.35 -12.31 21.28
N SER A 201 5.60 -13.31 20.91
CA SER A 201 6.13 -14.48 20.20
C SER A 201 6.74 -14.17 18.84
N ALA A 202 7.84 -14.85 18.56
CA ALA A 202 8.53 -14.71 17.27
C ALA A 202 7.80 -15.34 16.10
N GLN A 203 6.89 -16.26 16.41
CA GLN A 203 6.00 -16.91 15.42
C GLN A 203 4.52 -16.60 15.69
N PHE A 204 3.85 -16.21 14.64
CA PHE A 204 2.45 -15.88 14.67
C PHE A 204 1.88 -15.97 13.27
N GLU A 205 0.56 -16.07 13.19
CA GLU A 205 -0.08 -16.31 11.89
C GLU A 205 -1.42 -15.66 11.73
N GLY A 206 -1.82 -15.58 10.48
CA GLY A 206 -3.11 -15.00 10.08
C GLY A 206 -3.01 -14.32 8.73
N LYS A 207 -4.18 -13.99 8.21
CA LYS A 207 -4.26 -13.18 7.01
C LYS A 207 -3.90 -11.72 7.35
N ILE A 208 -3.25 -11.05 6.43
CA ILE A 208 -2.79 -9.67 6.65
C ILE A 208 -3.80 -8.72 6.01
N LEU A 209 -4.00 -7.61 6.73
CA LEU A 209 -4.84 -6.48 6.26
C LEU A 209 -4.29 -5.22 6.96
N GLY A 210 -4.40 -4.09 6.29
CA GLY A 210 -3.94 -2.82 6.83
C GLY A 210 -3.45 -1.86 5.78
N GLY A 211 -2.34 -1.20 6.11
CA GLY A 211 -1.68 -0.30 5.19
C GLY A 211 -1.10 0.88 5.94
N CYS A 212 -1.44 2.06 5.46
CA CYS A 212 -0.81 3.29 5.90
C CYS A 212 -1.57 3.86 7.11
N LEU A 213 -0.87 3.98 8.22
CA LEU A 213 -1.40 4.46 9.50
C LEU A 213 -2.15 5.79 9.30
N GLU A 214 -1.53 6.73 8.59
CA GLU A 214 -2.23 8.02 8.32
C GLU A 214 -3.53 7.86 7.63
N SER A 215 -3.62 6.95 6.69
CA SER A 215 -4.84 6.70 5.95
CA SER A 215 -4.88 6.70 5.97
C SER A 215 -5.95 6.16 6.89
N LEU A 216 -5.60 5.17 7.66
CA LEU A 216 -6.53 4.54 8.59
C LEU A 216 -7.04 5.55 9.60
N TYR A 217 -6.15 6.46 9.97
CA TYR A 217 -6.51 7.48 10.98
C TYR A 217 -7.62 8.36 10.51
N ASP A 218 -7.69 8.64 9.23
CA ASP A 218 -8.76 9.50 8.67
C ASP A 218 -10.13 8.82 8.64
N ILE A 219 -10.22 7.51 8.92
CA ILE A 219 -11.46 6.81 9.11
C ILE A 219 -12.08 7.39 10.41
N PHE A 220 -11.25 7.72 11.34
CA PHE A 220 -11.71 8.05 12.71
C PHE A 220 -11.53 9.49 13.13
N ASP A 221 -10.67 10.26 12.43
CA ASP A 221 -10.30 11.62 12.74
C ASP A 221 -10.60 12.48 11.51
N ASN A 222 -11.54 13.39 11.66
CA ASN A 222 -12.07 14.21 10.55
C ASN A 222 -11.31 15.56 10.37
N SER A 223 -10.08 15.64 10.90
CA SER A 223 -9.29 16.91 10.83
C SER A 223 -8.93 17.24 9.38
N ARG A 224 -8.45 16.20 8.67
CA ARG A 224 -8.02 16.41 7.28
C ARG A 224 -9.15 16.75 6.33
N TYR A 225 -10.16 15.90 6.38
CA TYR A 225 -11.37 16.10 5.56
C TYR A 225 -12.56 15.91 6.50
N ALA A 226 -13.41 16.96 6.58
CA ALA A 226 -14.45 16.99 7.62
C ALA A 226 -15.49 15.88 7.55
N ASP A 227 -15.68 15.33 6.37
CA ASP A 227 -16.66 14.28 6.10
C ASP A 227 -16.04 12.87 5.91
N SER A 228 -14.74 12.77 6.18
CA SER A 228 -14.10 11.42 6.02
C SER A 228 -14.72 10.33 6.92
N THR A 229 -14.95 10.69 8.19
CA THR A 229 -15.50 9.74 9.08
C THR A 229 -16.94 9.36 8.73
N GLU A 230 -17.72 10.41 8.33
CA GLU A 230 -19.06 10.18 7.88
C GLU A 230 -19.16 9.19 6.69
N LEU A 231 -18.33 9.41 5.66
CA LEU A 231 -18.38 8.56 4.47
C LEU A 231 -17.90 7.11 4.86
N CYS A 232 -16.84 7.08 5.64
CA CYS A 232 -16.31 5.75 5.99
C CYS A 232 -17.30 4.96 6.88
N GLN A 233 -18.07 5.67 7.69
CA GLN A 233 -19.12 5.01 8.51
C GLN A 233 -20.31 4.57 7.70
N LYS A 234 -20.77 5.46 6.81
CA LYS A 234 -21.92 5.17 5.98
C LYS A 234 -21.80 3.90 5.14
N TYR A 235 -20.60 3.76 4.58
CA TYR A 235 -20.27 2.69 3.66
C TYR A 235 -19.58 1.52 4.38
N LYS A 236 -19.49 1.61 5.70
CA LYS A 236 -18.91 0.55 6.58
C LYS A 236 -17.55 0.08 6.05
N LEU A 237 -16.64 1.03 5.90
CA LEU A 237 -15.36 0.70 5.23
C LEU A 237 -14.41 -0.02 6.15
N PHE A 238 -14.36 0.34 7.43
CA PHE A 238 -13.43 -0.29 8.37
C PHE A 238 -14.01 -1.70 8.69
N PRO A 239 -13.21 -2.74 8.60
CA PRO A 239 -13.71 -4.06 8.91
C PRO A 239 -14.26 -4.23 10.33
N ASP A 240 -15.25 -5.10 10.46
CA ASP A 240 -15.80 -5.50 11.71
C ASP A 240 -14.70 -6.12 12.55
N LEU A 241 -14.85 -6.07 13.85
CA LEU A 241 -13.94 -6.74 14.74
C LEU A 241 -13.99 -8.24 14.57
N SER A 242 -15.16 -8.78 14.25
CA SER A 242 -15.13 -10.27 14.00
C SER A 242 -14.31 -10.57 12.78
N ASP A 243 -14.22 -9.64 11.84
CA ASP A 243 -13.31 -9.78 10.66
C ASP A 243 -11.80 -9.65 11.00
N TRP A 244 -11.47 -8.64 11.81
CA TRP A 244 -10.11 -8.44 12.29
C TRP A 244 -9.62 -9.57 13.19
N GLU A 245 -10.55 -10.29 13.78
CA GLU A 245 -10.19 -11.37 14.75
C GLU A 245 -9.31 -12.38 14.00
N GLY A 246 -8.17 -12.63 14.58
CA GLY A 246 -7.16 -13.54 14.08
C GLY A 246 -6.37 -13.13 12.88
N LYS A 247 -6.57 -11.88 12.44
CA LYS A 247 -5.74 -11.30 11.40
C LYS A 247 -4.51 -10.67 11.96
N ILE A 248 -3.56 -10.47 11.07
CA ILE A 248 -2.35 -9.66 11.30
C ILE A 248 -2.58 -8.25 10.67
N LEU A 249 -2.41 -7.25 11.49
CA LEU A 249 -2.51 -5.81 11.05
C LEU A 249 -1.14 -5.35 10.55
N LEU A 250 -1.12 -4.79 9.35
CA LEU A 250 0.02 -4.02 8.84
C LEU A 250 -0.19 -2.52 9.04
N LEU A 251 0.83 -1.87 9.53
CA LEU A 251 0.92 -0.44 9.65
C LEU A 251 2.25 0.07 9.06
N GLU A 252 2.15 1.17 8.34
CA GLU A 252 3.35 1.87 7.85
C GLU A 252 3.03 3.34 7.72
N THR A 253 4.08 4.13 7.92
CA THR A 253 3.98 5.61 7.91
C THR A 253 4.47 6.22 6.58
N SER A 254 3.88 7.33 6.24
CA SER A 254 4.01 7.98 4.96
C SER A 254 5.17 9.05 5.00
N GLU A 255 5.27 9.74 3.86
CA GLU A 255 6.20 10.86 3.68
C GLU A 255 5.85 12.04 4.60
N GLU A 256 4.62 12.04 5.11
CA GLU A 256 4.21 13.01 6.17
C GLU A 256 5.00 12.93 7.44
N LYS A 257 5.58 11.77 7.72
CA LYS A 257 6.50 11.61 8.81
C LYS A 257 5.99 12.19 10.13
N PRO A 258 4.86 11.69 10.58
CA PRO A 258 4.24 12.24 11.78
C PRO A 258 5.15 12.30 12.93
N LYS A 259 5.05 13.41 13.66
CA LYS A 259 5.88 13.56 14.81
C LYS A 259 5.51 12.55 15.87
N PRO A 260 6.45 12.18 16.78
CA PRO A 260 6.19 11.11 17.69
C PRO A 260 4.88 11.27 18.48
N GLU A 261 4.62 12.50 18.91
CA GLU A 261 3.35 12.67 19.67
C GLU A 261 2.10 12.41 18.82
N ASP A 262 2.18 12.74 17.53
CA ASP A 262 1.06 12.47 16.62
C ASP A 262 0.97 10.96 16.28
N PHE A 263 2.12 10.30 16.06
CA PHE A 263 2.15 8.86 15.94
C PHE A 263 1.40 8.13 17.11
N LYS A 264 1.69 8.59 18.31
CA LYS A 264 1.11 8.06 19.52
C LYS A 264 -0.42 8.24 19.53
N LYS A 265 -0.82 9.45 19.19
CA LYS A 265 -2.26 9.78 19.09
C LYS A 265 -3.00 8.89 18.04
N LEU A 267 -1.96 5.79 17.10
CA LEU A 267 -2.04 4.46 17.64
C LEU A 267 -3.15 4.31 18.69
N LEU A 268 -3.29 5.34 19.53
CA LEU A 268 -4.38 5.32 20.56
C LEU A 268 -5.77 5.42 19.91
N THR A 269 -5.87 6.19 18.84
CA THR A 269 -7.13 6.27 18.10
C THR A 269 -7.51 4.92 17.49
N LEU A 270 -6.51 4.20 16.90
CA LEU A 270 -6.72 2.85 16.49
C LEU A 270 -7.11 1.86 17.60
N LYS A 271 -6.42 2.01 18.73
CA LYS A 271 -6.67 1.22 19.93
C LYS A 271 -8.17 1.37 20.33
N ASP A 272 -8.63 2.59 20.21
CA ASP A 272 -10.03 2.90 20.54
C ASP A 272 -11.10 2.14 19.73
N THR A 273 -10.72 1.60 18.58
CA THR A 273 -11.59 0.74 17.81
C THR A 273 -11.84 -0.66 18.37
N GLY A 274 -10.97 -1.06 19.28
CA GLY A 274 -10.92 -2.40 19.80
C GLY A 274 -10.04 -3.40 19.04
N ILE A 275 -9.44 -2.94 17.93
CA ILE A 275 -8.66 -3.84 17.03
C ILE A 275 -7.55 -4.62 17.74
N PHE A 276 -6.89 -3.99 18.70
CA PHE A 276 -5.75 -4.66 19.36
C PHE A 276 -6.18 -5.77 20.28
N ALA A 277 -7.46 -5.85 20.62
CA ALA A 277 -7.95 -6.96 21.45
C ALA A 277 -8.10 -8.23 20.65
N VAL A 278 -8.18 -8.13 19.33
CA VAL A 278 -8.58 -9.30 18.51
C VAL A 278 -7.57 -9.81 17.46
N ILE A 279 -6.58 -8.97 17.11
CA ILE A 279 -5.60 -9.38 16.12
C ILE A 279 -4.57 -10.40 16.68
N ASN A 280 -3.99 -11.12 15.76
CA ASN A 280 -2.91 -12.11 16.10
C ASN A 280 -1.49 -11.57 16.12
N GLY A 281 -1.31 -10.34 15.61
CA GLY A 281 0.00 -9.75 15.54
C GLY A 281 -0.03 -8.47 14.73
N LEU A 282 1.09 -7.77 14.76
CA LEU A 282 1.25 -6.43 14.16
C LEU A 282 2.58 -6.36 13.41
N LEU A 283 2.50 -6.04 12.15
CA LEU A 283 3.70 -5.78 11.32
C LEU A 283 3.79 -4.28 11.04
N VAL A 284 4.97 -3.70 11.22
CA VAL A 284 5.19 -2.27 11.04
C VAL A 284 6.34 -2.01 10.13
N GLY A 285 6.05 -1.34 9.05
CA GLY A 285 7.08 -0.93 8.16
C GLY A 285 8.09 0.07 8.70
N LYS A 286 9.29 -0.05 8.19
CA LYS A 286 10.31 0.98 8.38
C LYS A 286 9.82 2.35 7.99
N PRO A 287 9.95 3.36 8.91
CA PRO A 287 9.52 4.71 8.47
C PRO A 287 10.36 5.24 7.34
N ASP A 289 12.89 7.11 5.27
CA ASP A 289 14.20 7.71 5.65
C ASP A 289 14.67 7.36 7.08
N GLU A 290 14.00 6.39 7.68
CA GLU A 290 14.13 6.08 9.08
C GLU A 290 13.87 7.29 10.00
N THR A 291 13.15 8.26 9.49
CA THR A 291 12.75 9.43 10.30
C THR A 291 11.88 8.96 11.50
N PHE A 292 12.34 9.32 12.68
CA PHE A 292 11.66 8.94 13.96
C PHE A 292 11.62 7.42 14.21
N HIS A 293 12.56 6.70 13.61
CA HIS A 293 12.66 5.26 13.77
C HIS A 293 12.63 4.81 15.24
N ASP A 294 13.47 5.45 16.01
CA ASP A 294 13.62 5.07 17.42
C ASP A 294 12.38 5.47 18.24
N ASP A 295 11.88 6.64 17.89
CA ASP A 295 10.71 7.20 18.61
C ASP A 295 9.45 6.31 18.37
N TYR A 296 9.26 5.90 17.12
CA TYR A 296 8.12 5.02 16.77
C TYR A 296 8.24 3.69 17.50
N LYS A 297 9.46 3.13 17.55
CA LYS A 297 9.69 1.89 18.28
C LYS A 297 9.27 2.00 19.74
N GLU A 298 9.68 3.06 20.33
CA GLU A 298 9.34 3.27 21.75
C GLU A 298 7.83 3.44 21.95
N ALA A 299 7.23 4.16 21.03
CA ALA A 299 5.76 4.41 21.09
C ALA A 299 4.98 3.12 20.93
N LEU A 300 5.43 2.23 20.04
CA LEU A 300 4.78 0.96 19.86
C LEU A 300 4.85 0.16 21.19
N LEU A 301 6.04 0.14 21.77
CA LEU A 301 6.25 -0.61 23.00
C LEU A 301 5.45 -0.02 24.14
N ASP A 302 5.27 1.27 24.12
CA ASP A 302 4.52 1.95 25.12
C ASP A 302 3.01 1.72 25.01
N ILE A 303 2.48 1.55 23.80
CA ILE A 303 1.03 1.58 23.57
C ILE A 303 0.38 0.25 23.18
N ILE A 304 1.00 -0.47 22.31
CA ILE A 304 0.35 -1.67 21.79
C ILE A 304 0.09 -2.65 22.94
N ASP A 305 -1.11 -3.22 22.97
CA ASP A 305 -1.47 -4.19 24.02
C ASP A 305 -0.43 -5.28 24.17
N SER A 306 -0.21 -5.63 25.41
CA SER A 306 0.93 -6.45 25.79
C SER A 306 0.95 -7.80 25.23
N ASN A 307 -0.19 -8.34 24.88
CA ASN A 307 -0.21 -9.67 24.34
C ASN A 307 0.06 -9.81 22.84
N ILE A 308 0.27 -8.71 22.14
CA ILE A 308 0.33 -8.77 20.70
C ILE A 308 1.74 -8.79 20.18
N PRO A 309 2.09 -9.77 19.38
CA PRO A 309 3.45 -9.74 18.82
C PRO A 309 3.60 -8.60 17.84
N ILE A 310 4.75 -7.91 17.89
CA ILE A 310 5.07 -6.83 16.97
C ILE A 310 6.39 -7.08 16.25
N VAL A 311 6.36 -7.14 14.94
CA VAL A 311 7.57 -7.11 14.09
C VAL A 311 7.67 -5.77 13.40
N TYR A 312 8.76 -5.07 13.72
CA TYR A 312 9.09 -3.75 13.16
C TYR A 312 10.16 -3.83 12.07
N ASN A 313 10.34 -2.75 11.34
CA ASN A 313 11.40 -2.59 10.38
C ASN A 313 11.24 -3.42 9.14
N LEU A 314 10.01 -3.81 8.78
CA LEU A 314 9.77 -4.42 7.48
C LEU A 314 10.11 -3.46 6.36
N ASN A 315 10.57 -4.03 5.25
CA ASN A 315 10.74 -3.25 4.04
C ASN A 315 9.48 -3.19 3.22
N VAL A 316 8.45 -2.63 3.89
CA VAL A 316 7.16 -2.44 3.31
C VAL A 316 6.73 -1.03 3.70
N GLY A 317 6.22 -0.33 2.72
CA GLY A 317 5.73 1.04 2.95
C GLY A 317 6.51 2.07 2.21
N HIS A 318 6.78 3.16 2.89
CA HIS A 318 7.33 4.38 2.28
C HIS A 318 8.85 4.43 2.14
N ALA A 319 9.58 3.66 2.95
CA ALA A 319 11.03 3.55 2.77
C ALA A 319 11.20 2.72 1.49
N THR A 320 12.43 2.65 0.98
CA THR A 320 12.74 1.80 -0.17
C THR A 320 13.87 0.86 0.23
N PRO A 321 14.06 -0.23 -0.47
CA PRO A 321 13.22 -0.79 -1.46
C PRO A 321 11.92 -1.35 -0.84
N ARG A 322 11.06 -1.92 -1.67
CA ARG A 322 9.65 -2.26 -1.26
C ARG A 322 9.21 -3.65 -1.60
N ALA A 323 8.88 -4.39 -0.59
CA ALA A 323 8.23 -5.69 -0.75
C ALA A 323 6.76 -5.51 -1.10
N ILE A 324 6.17 -6.54 -1.70
CA ILE A 324 4.70 -6.62 -1.95
C ILE A 324 4.08 -7.59 -0.95
N VAL A 325 3.05 -7.15 -0.22
CA VAL A 325 2.37 -7.95 0.76
C VAL A 325 0.98 -8.36 0.29
N PRO A 326 0.72 -9.66 0.00
CA PRO A 326 -0.64 -10.10 -0.23
C PRO A 326 -1.50 -9.85 0.99
N PHE A 327 -2.65 -9.29 0.72
CA PHE A 327 -3.71 -9.22 1.73
C PHE A 327 -4.74 -10.36 1.52
N GLY A 328 -5.31 -10.81 2.63
CA GLY A 328 -6.35 -11.88 2.61
C GLY A 328 -5.84 -13.28 2.35
N VAL A 329 -4.55 -13.43 2.51
CA VAL A 329 -3.83 -14.73 2.29
C VAL A 329 -3.16 -15.13 3.60
N HIS A 330 -3.43 -16.36 4.05
CA HIS A 330 -2.84 -16.84 5.30
C HIS A 330 -1.33 -16.71 5.31
N ALA A 331 -0.81 -16.00 6.30
CA ALA A 331 0.62 -15.77 6.49
C ALA A 331 1.15 -16.35 7.76
N HIS A 332 2.37 -16.91 7.67
CA HIS A 332 3.06 -17.29 8.87
C HIS A 332 4.32 -16.46 9.00
N VAL A 333 4.40 -15.72 10.10
CA VAL A 333 5.49 -14.81 10.36
C VAL A 333 6.44 -15.52 11.32
N ASP A 334 7.69 -15.52 10.91
CA ASP A 334 8.78 -16.08 11.74
C ASP A 334 9.89 -15.08 11.87
N ALA A 335 9.89 -14.39 12.99
CA ALA A 335 10.82 -13.27 13.27
C ALA A 335 12.26 -13.74 13.48
N GLN A 336 12.39 -14.97 13.94
CA GLN A 336 13.73 -15.56 14.22
C GLN A 336 14.42 -15.91 12.88
N GLU A 337 13.71 -16.65 12.05
CA GLU A 337 14.16 -17.04 10.69
C GLU A 337 14.07 -15.92 9.66
N GLN A 338 13.35 -14.88 10.04
CA GLN A 338 13.23 -13.64 9.24
C GLN A 338 12.58 -13.89 7.91
N VAL A 339 11.44 -14.50 7.99
CA VAL A 339 10.64 -14.82 6.83
C VAL A 339 9.15 -14.77 7.18
N ILE A 340 8.41 -14.29 6.20
CA ILE A 340 6.96 -14.43 6.19
C ILE A 340 6.57 -15.31 5.00
N LEU A 341 5.91 -16.42 5.30
CA LEU A 341 5.47 -17.41 4.30
C LEU A 341 3.97 -17.35 4.09
N PHE A 342 3.55 -17.35 2.84
CA PHE A 342 2.15 -17.29 2.44
C PHE A 342 1.63 -18.63 1.95
N ASP A 343 0.43 -18.96 2.38
CA ASP A 343 -0.30 -20.21 2.00
C ASP A 343 -1.65 -19.92 1.39
N TYR A 344 -1.67 -20.06 0.09
CA TYR A 344 -2.82 -19.65 -0.73
C TYR A 344 -4.03 -20.63 -0.64
N ASN A 345 -3.74 -21.77 -0.08
CA ASN A 345 -4.78 -22.83 0.06
C ASN A 345 -5.57 -22.73 1.36
N LYS A 346 -4.91 -22.24 2.41
CA LYS A 346 -5.53 -22.14 3.73
C LYS A 346 -6.83 -21.31 3.68
#